data_3U83
#
_entry.id   3U83
#
_cell.length_a   127.520
_cell.length_b   127.520
_cell.length_c   190.555
_cell.angle_alpha   90.00
_cell.angle_beta   90.00
_cell.angle_gamma   120.00
#
_symmetry.space_group_name_H-M   'H 3 2'
#
loop_
_entity.id
_entity.type
_entity.pdbx_description
1 polymer 'Poliovirus receptor-related protein 1'
2 non-polymer 1-(2-METHOXY-ETHOXY)-2-{2-[2-(2-METHOXY-ETHOXY]-ETHOXY}-ETHANE
3 water water
#
_entity_poly.entity_id   1
_entity_poly.type   'polypeptide(L)'
_entity_poly.pdbx_seq_one_letter_code
;MASMTGGQQMGRDPSQVVQVNDSMYGFIGTDVVLHCSFANPLPSVKITQVTWQKSTNGSKQNVAIYNPSMGVSVLAPYRE
RVEFLRPSFTDGTIRLSRLELEDEGVYICEFATFPTGNRESQLNLTVMAKPTNWIEGTQAVLRAKKGQDDKVLVATCTSA
NGKPPSVVSWETRLKGEAEYQEIRNPNGTVTVISRYRLVPSREAHQQSLACIVNYHMDRFKESLTLNVQYEPEVTIEGFD
GNWYLQRMDVKLTCKADANPPATEYHWTTLNGSLPKGVEAQNRTLFFKGPINYSLAGTYICEATNPIGTRSGQVEVNITE
AAALEHHHHHH
;
_entity_poly.pdbx_strand_id   A
#
loop_
_chem_comp.id
_chem_comp.type
_chem_comp.name
_chem_comp.formula
PG6 non-polymer 1-(2-METHOXY-ETHOXY)-2-{2-[2-(2-METHOXY-ETHOXY]-ETHOXY}-ETHANE 'C12 H26 O6'
#
# COMPACT_ATOMS: atom_id res chain seq x y z
N ASN A 21 -25.75 -11.76 24.03
CA ASN A 21 -26.74 -11.07 23.20
C ASN A 21 -26.32 -10.90 21.73
N ASP A 22 -27.27 -10.46 20.93
CA ASP A 22 -27.04 -10.33 19.49
C ASP A 22 -26.14 -9.16 19.12
N SER A 23 -25.41 -9.34 18.02
CA SER A 23 -24.59 -8.28 17.47
C SER A 23 -25.03 -7.98 16.03
N MET A 24 -25.35 -6.72 15.78
CA MET A 24 -25.72 -6.28 14.43
C MET A 24 -24.56 -5.50 13.83
N TYR A 25 -24.39 -5.63 12.52
CA TYR A 25 -23.34 -4.91 11.82
C TYR A 25 -23.92 -4.32 10.54
N GLY A 26 -23.53 -3.09 10.23
CA GLY A 26 -23.98 -2.45 9.03
C GLY A 26 -23.01 -1.37 8.64
N PHE A 27 -22.93 -1.07 7.34
CA PHE A 27 -22.05 -0.04 6.83
C PHE A 27 -22.67 1.34 6.96
N ILE A 28 -21.83 2.36 7.10
CA ILE A 28 -22.30 3.74 7.10
C ILE A 28 -23.22 3.97 5.91
N GLY A 29 -24.33 4.65 6.15
CA GLY A 29 -25.25 4.98 5.07
C GLY A 29 -26.34 3.97 4.80
N THR A 30 -26.19 2.75 5.31
CA THR A 30 -27.19 1.70 5.08
C THR A 30 -28.23 1.67 6.19
N ASP A 31 -29.21 0.78 6.06
CA ASP A 31 -30.24 0.64 7.07
C ASP A 31 -30.12 -0.70 7.80
N VAL A 32 -30.44 -0.71 9.09
CA VAL A 32 -30.56 -1.96 9.82
C VAL A 32 -31.94 -2.11 10.43
N VAL A 33 -32.40 -3.35 10.51
CA VAL A 33 -33.65 -3.66 11.17
C VAL A 33 -33.32 -4.29 12.52
N LEU A 34 -33.75 -3.65 13.59
CA LEU A 34 -33.52 -4.15 14.93
C LEU A 34 -34.75 -4.90 15.45
N HIS A 35 -34.66 -6.22 15.52
N HIS A 35 -34.67 -6.22 15.51
CA HIS A 35 -35.78 -7.05 15.90
CA HIS A 35 -35.83 -7.03 15.86
C HIS A 35 -36.11 -6.99 17.39
C HIS A 35 -36.11 -7.10 17.36
N CYS A 36 -37.40 -7.03 17.69
CA CYS A 36 -37.85 -7.13 19.08
C CYS A 36 -39.31 -7.56 19.08
N SER A 37 -39.56 -8.77 19.56
CA SER A 37 -40.91 -9.29 19.60
C SER A 37 -41.18 -9.94 20.95
N PHE A 38 -42.44 -9.94 21.37
CA PHE A 38 -42.79 -10.60 22.62
C PHE A 38 -43.24 -12.01 22.34
N ALA A 39 -42.48 -12.96 22.87
CA ALA A 39 -42.65 -14.40 22.61
C ALA A 39 -44.08 -14.89 22.80
N ASN A 40 -44.33 -15.47 23.97
CA ASN A 40 -45.60 -16.12 24.24
C ASN A 40 -46.58 -15.20 24.95
N PRO A 41 -47.40 -14.46 24.19
CA PRO A 41 -48.39 -13.58 24.79
C PRO A 41 -49.50 -14.43 25.42
N LEU A 42 -49.92 -14.09 26.63
CA LEU A 42 -50.99 -14.84 27.28
C LEU A 42 -52.25 -14.00 27.34
N PRO A 43 -53.40 -14.65 27.54
CA PRO A 43 -54.64 -13.91 27.73
C PRO A 43 -54.51 -13.09 29.00
N SER A 44 -53.87 -13.67 30.00
CA SER A 44 -53.60 -13.01 31.27
C SER A 44 -52.82 -11.72 31.06
N VAL A 45 -51.58 -11.88 30.58
CA VAL A 45 -50.65 -10.76 30.42
C VAL A 45 -51.13 -9.72 29.41
N LYS A 46 -50.93 -8.45 29.74
CA LYS A 46 -51.28 -7.36 28.83
C LYS A 46 -50.08 -6.45 28.59
N ILE A 47 -49.82 -6.13 27.33
CA ILE A 47 -48.69 -5.29 26.98
C ILE A 47 -49.05 -3.81 27.09
N THR A 48 -48.26 -3.10 27.88
CA THR A 48 -48.54 -1.73 28.22
C THR A 48 -47.87 -0.76 27.25
N GLN A 49 -46.62 -1.07 26.92
CA GLN A 49 -45.79 -0.13 26.18
C GLN A 49 -44.51 -0.83 25.75
N VAL A 50 -44.00 -0.45 24.58
CA VAL A 50 -42.78 -1.01 24.05
C VAL A 50 -41.79 0.15 23.90
N THR A 51 -40.61 -0.02 24.46
CA THR A 51 -39.65 1.09 24.53
C THR A 51 -38.25 0.71 24.04
N TRP A 52 -37.74 1.48 23.09
CA TRP A 52 -36.36 1.33 22.64
C TRP A 52 -35.49 2.38 23.29
N GLN A 53 -34.35 1.96 23.82
CA GLN A 53 -33.40 2.91 24.38
C GLN A 53 -32.02 2.63 23.83
N LYS A 54 -31.15 3.62 23.93
CA LYS A 54 -29.75 3.43 23.59
C LYS A 54 -28.89 3.70 24.81
N SER A 55 -28.03 2.73 25.13
CA SER A 55 -27.08 2.90 26.20
C SER A 55 -25.72 3.18 25.61
N THR A 56 -25.32 4.44 25.63
CA THR A 56 -23.93 4.77 25.34
C THR A 56 -23.19 4.69 26.68
N ASN A 57 -22.42 3.64 26.88
CA ASN A 57 -22.53 2.69 27.95
C ASN A 57 -22.58 2.97 29.44
N GLY A 58 -23.22 4.03 29.85
CA GLY A 58 -23.76 4.07 31.20
C GLY A 58 -25.14 4.69 31.08
N SER A 59 -25.15 5.61 30.15
CA SER A 59 -26.25 6.48 29.75
C SER A 59 -27.30 5.72 28.94
N LYS A 60 -28.53 5.71 29.46
CA LYS A 60 -29.68 5.25 28.70
C LYS A 60 -30.47 6.46 28.22
N GLN A 61 -30.59 6.62 26.90
CA GLN A 61 -31.49 7.63 26.34
C GLN A 61 -32.60 6.96 25.56
N ASN A 62 -33.79 7.55 25.60
CA ASN A 62 -34.93 6.99 24.90
C ASN A 62 -34.89 7.28 23.40
N VAL A 63 -35.17 6.24 22.61
CA VAL A 63 -35.15 6.35 21.16
C VAL A 63 -36.57 6.43 20.59
N ALA A 64 -37.38 5.43 20.90
CA ALA A 64 -38.70 5.31 20.32
C ALA A 64 -39.65 4.52 21.22
N ILE A 65 -40.89 4.99 21.30
CA ILE A 65 -41.89 4.34 22.15
C ILE A 65 -43.12 3.98 21.34
N TYR A 66 -43.66 2.79 21.59
CA TYR A 66 -44.96 2.44 21.05
C TYR A 66 -45.91 2.05 22.16
N ASN A 67 -46.99 2.78 22.28
CA ASN A 67 -48.03 2.52 23.27
C ASN A 67 -49.36 2.26 22.55
N PRO A 68 -49.92 1.07 22.74
CA PRO A 68 -51.15 0.65 22.04
C PRO A 68 -52.29 1.64 22.19
N SER A 69 -52.35 2.34 23.33
CA SER A 69 -53.42 3.27 23.61
C SER A 69 -53.20 4.63 22.98
N MET A 70 -51.94 5.04 22.88
CA MET A 70 -51.63 6.41 22.49
C MET A 70 -50.82 6.54 21.19
N GLY A 71 -50.39 5.41 20.64
CA GLY A 71 -49.71 5.40 19.36
C GLY A 71 -48.21 5.39 19.45
N VAL A 72 -47.55 5.96 18.44
CA VAL A 72 -46.11 5.92 18.31
C VAL A 72 -45.47 7.24 18.72
N SER A 73 -44.29 7.15 19.30
CA SER A 73 -43.48 8.31 19.61
C SER A 73 -42.00 8.06 19.28
N VAL A 74 -41.48 8.77 18.29
CA VAL A 74 -40.05 8.73 18.01
C VAL A 74 -39.44 10.04 18.45
N LEU A 75 -38.41 9.95 19.30
CA LEU A 75 -37.80 11.13 19.88
C LEU A 75 -36.66 11.66 19.03
N ALA A 76 -36.38 12.94 19.16
CA ALA A 76 -35.17 13.48 18.57
C ALA A 76 -33.96 12.85 19.27
N PRO A 77 -32.85 12.65 18.55
CA PRO A 77 -32.62 13.06 17.17
C PRO A 77 -32.94 11.96 16.16
N TYR A 78 -33.94 11.12 16.46
CA TYR A 78 -34.20 9.96 15.62
C TYR A 78 -35.44 10.09 14.75
N ARG A 79 -36.06 11.27 14.76
CA ARG A 79 -37.38 11.43 14.16
C ARG A 79 -37.46 11.13 12.66
N GLU A 80 -36.36 11.29 11.95
CA GLU A 80 -36.38 11.03 10.51
C GLU A 80 -35.67 9.74 10.09
N ARG A 81 -35.12 9.02 11.07
CA ARG A 81 -34.30 7.85 10.77
C ARG A 81 -34.79 6.57 11.45
N VAL A 82 -35.77 6.70 12.32
CA VAL A 82 -36.29 5.54 13.04
C VAL A 82 -37.79 5.37 12.82
N GLU A 83 -38.23 4.12 12.71
CA GLU A 83 -39.62 3.80 12.47
C GLU A 83 -39.94 2.36 12.85
N PHE A 84 -41.07 2.15 13.50
CA PHE A 84 -41.56 0.80 13.75
C PHE A 84 -42.12 0.20 12.46
N LEU A 85 -41.76 -1.04 12.17
CA LEU A 85 -42.17 -1.69 10.92
C LEU A 85 -43.59 -2.19 10.97
N ARG A 86 -43.94 -2.83 12.08
CA ARG A 86 -45.27 -3.40 12.26
C ARG A 86 -45.67 -3.32 13.72
N PRO A 87 -45.81 -2.09 14.23
CA PRO A 87 -46.06 -1.85 15.65
C PRO A 87 -47.35 -2.51 16.12
N SER A 88 -47.23 -3.37 17.12
CA SER A 88 -48.35 -4.13 17.64
C SER A 88 -48.09 -4.52 19.08
N PHE A 89 -49.00 -5.29 19.65
CA PHE A 89 -48.85 -5.78 21.02
C PHE A 89 -47.67 -6.74 21.11
N THR A 90 -47.24 -7.31 19.99
CA THR A 90 -46.22 -8.35 20.04
C THR A 90 -44.92 -7.98 19.32
N ASP A 91 -44.96 -6.92 18.52
CA ASP A 91 -43.81 -6.61 17.67
C ASP A 91 -43.32 -5.17 17.84
N GLY A 92 -42.07 -5.02 18.30
CA GLY A 92 -41.49 -3.71 18.50
C GLY A 92 -40.34 -3.44 17.54
N THR A 93 -40.26 -4.25 16.48
CA THR A 93 -39.17 -4.14 15.51
C THR A 93 -39.08 -2.76 14.86
N ILE A 94 -37.87 -2.27 14.72
CA ILE A 94 -37.64 -0.95 14.14
C ILE A 94 -36.56 -0.97 13.07
N ARG A 95 -36.63 -0.02 12.15
CA ARG A 95 -35.57 0.20 11.20
C ARG A 95 -34.81 1.47 11.57
N LEU A 96 -33.50 1.35 11.67
CA LEU A 96 -32.62 2.50 11.86
C LEU A 96 -32.00 2.80 10.51
N SER A 97 -32.33 3.96 9.94
CA SER A 97 -31.92 4.27 8.57
C SER A 97 -30.65 5.10 8.49
N ARG A 98 -29.96 4.96 7.35
CA ARG A 98 -28.79 5.77 7.06
C ARG A 98 -27.82 5.81 8.25
N LEU A 99 -27.22 4.66 8.51
CA LEU A 99 -26.32 4.48 9.63
C LEU A 99 -25.24 5.55 9.72
N GLU A 100 -24.95 5.97 10.95
CA GLU A 100 -23.87 6.89 11.24
C GLU A 100 -22.91 6.23 12.21
N LEU A 101 -21.61 6.53 12.09
CA LEU A 101 -20.61 5.99 13.00
C LEU A 101 -21.06 6.10 14.47
N GLU A 102 -21.76 7.18 14.80
CA GLU A 102 -22.18 7.42 16.18
C GLU A 102 -23.36 6.56 16.61
N ASP A 103 -23.95 5.83 15.67
CA ASP A 103 -25.04 4.92 16.01
C ASP A 103 -24.54 3.72 16.79
N GLU A 104 -23.23 3.49 16.78
CA GLU A 104 -22.67 2.37 17.52
C GLU A 104 -23.06 2.42 18.99
N GLY A 105 -23.29 1.25 19.56
CA GLY A 105 -23.65 1.14 20.96
C GLY A 105 -24.63 0.01 21.21
N VAL A 106 -25.21 0.01 22.41
CA VAL A 106 -26.12 -1.02 22.82
C VAL A 106 -27.55 -0.50 22.79
N TYR A 107 -28.45 -1.30 22.23
CA TYR A 107 -29.84 -0.91 22.13
C TYR A 107 -30.71 -1.84 22.95
N ILE A 108 -31.51 -1.26 23.85
CA ILE A 108 -32.37 -2.05 24.71
C ILE A 108 -33.84 -1.92 24.32
N CYS A 109 -34.50 -3.06 24.17
CA CYS A 109 -35.91 -3.05 23.87
C CYS A 109 -36.68 -3.63 25.03
N GLU A 110 -37.66 -2.89 25.51
CA GLU A 110 -38.36 -3.30 26.71
C GLU A 110 -39.87 -3.35 26.50
N PHE A 111 -40.46 -4.50 26.83
CA PHE A 111 -41.91 -4.66 26.89
C PHE A 111 -42.35 -4.51 28.32
N ALA A 112 -43.13 -3.47 28.59
CA ALA A 112 -43.78 -3.32 29.88
C ALA A 112 -45.13 -4.03 29.80
N THR A 113 -45.39 -4.91 30.76
CA THR A 113 -46.62 -5.69 30.76
C THR A 113 -47.23 -5.67 32.14
N PHE A 114 -48.53 -5.99 32.22
CA PHE A 114 -49.23 -6.09 33.48
C PHE A 114 -50.04 -7.39 33.49
N PRO A 115 -50.02 -8.11 34.62
CA PRO A 115 -49.41 -7.74 35.91
C PRO A 115 -47.99 -8.29 36.07
N THR A 116 -47.36 -8.73 34.98
CA THR A 116 -46.12 -9.49 35.09
C THR A 116 -44.84 -8.65 35.04
N GLY A 117 -44.94 -7.41 34.57
CA GLY A 117 -43.81 -6.51 34.59
C GLY A 117 -42.98 -6.43 33.32
N ASN A 118 -41.71 -6.08 33.48
CA ASN A 118 -40.86 -5.79 32.34
C ASN A 118 -40.14 -6.99 31.73
N ARG A 119 -39.99 -6.95 30.41
CA ARG A 119 -39.25 -7.95 29.67
C ARG A 119 -38.33 -7.20 28.73
N GLU A 120 -37.03 -7.36 28.87
CA GLU A 120 -36.11 -6.65 28.00
C GLU A 120 -35.15 -7.56 27.22
N SER A 121 -34.71 -7.08 26.06
CA SER A 121 -33.68 -7.72 25.28
C SER A 121 -32.73 -6.66 24.80
N GLN A 122 -31.48 -7.04 24.54
CA GLN A 122 -30.46 -6.09 24.11
C GLN A 122 -29.73 -6.56 22.87
N LEU A 123 -29.07 -5.62 22.22
CA LEU A 123 -28.20 -5.97 21.11
C LEU A 123 -27.13 -4.91 20.89
N ASN A 124 -26.05 -5.31 20.26
CA ASN A 124 -24.96 -4.39 19.97
C ASN A 124 -25.02 -3.99 18.52
N LEU A 125 -24.82 -2.70 18.27
CA LEU A 125 -24.74 -2.20 16.92
C LEU A 125 -23.31 -1.76 16.65
N THR A 126 -22.70 -2.39 15.65
CA THR A 126 -21.39 -1.97 15.18
C THR A 126 -21.57 -1.38 13.79
N VAL A 127 -20.97 -0.23 13.54
CA VAL A 127 -21.05 0.40 12.23
C VAL A 127 -19.72 0.26 11.51
N MET A 128 -19.79 -0.14 10.24
CA MET A 128 -18.59 -0.44 9.47
C MET A 128 -18.37 0.56 8.35
N ALA A 129 -17.11 0.75 7.97
CA ALA A 129 -16.76 1.70 6.92
C ALA A 129 -15.67 1.15 6.01
N LYS A 130 -15.84 1.34 4.71
CA LYS A 130 -14.83 0.94 3.75
C LYS A 130 -13.78 2.03 3.64
N PRO A 131 -12.50 1.64 3.64
CA PRO A 131 -11.35 2.54 3.60
C PRO A 131 -11.15 3.17 2.22
N THR A 132 -10.38 4.24 2.17
CA THR A 132 -9.87 4.77 0.91
C THR A 132 -8.42 4.30 0.79
N ASN A 133 -8.11 3.60 -0.30
CA ASN A 133 -6.79 2.99 -0.47
C ASN A 133 -5.96 3.63 -1.56
N TRP A 134 -4.65 3.74 -1.33
CA TRP A 134 -3.76 4.25 -2.36
C TRP A 134 -2.29 4.03 -2.05
N ILE A 135 -1.52 3.78 -3.10
CA ILE A 135 -0.08 3.68 -3.00
C ILE A 135 0.55 4.99 -3.43
N GLU A 136 1.78 5.24 -2.96
CA GLU A 136 2.55 6.38 -3.45
C GLU A 136 4.03 6.13 -3.28
N GLY A 137 4.81 6.56 -4.27
CA GLY A 137 6.26 6.47 -4.21
C GLY A 137 6.82 7.66 -3.46
N THR A 138 8.13 7.64 -3.23
CA THR A 138 8.83 8.76 -2.60
C THR A 138 9.00 9.87 -3.62
N GLN A 139 9.14 11.09 -3.14
CA GLN A 139 9.42 12.22 -4.02
C GLN A 139 10.93 12.31 -4.21
N ALA A 140 11.64 11.63 -3.32
CA ALA A 140 13.10 11.56 -3.39
C ALA A 140 13.58 10.74 -4.60
N VAL A 141 14.82 11.01 -5.02
CA VAL A 141 15.46 10.23 -6.07
C VAL A 141 16.23 9.09 -5.41
N LEU A 142 16.02 7.87 -5.90
CA LEU A 142 16.72 6.71 -5.35
C LEU A 142 18.10 6.56 -5.99
N ARG A 143 19.12 6.34 -5.17
CA ARG A 143 20.49 6.22 -5.66
C ARG A 143 21.19 4.94 -5.16
N ALA A 144 21.87 4.25 -6.07
CA ALA A 144 22.59 3.03 -5.75
C ALA A 144 24.11 3.23 -5.85
N LYS A 145 24.76 3.36 -4.69
CA LYS A 145 26.22 3.47 -4.65
C LYS A 145 26.83 2.42 -3.72
N LYS A 146 27.90 1.78 -4.18
CA LYS A 146 28.65 0.84 -3.36
C LYS A 146 29.13 1.56 -2.10
N GLY A 147 28.93 0.94 -0.95
CA GLY A 147 29.27 1.57 0.31
C GLY A 147 28.05 2.20 0.94
N GLN A 148 26.97 2.26 0.16
CA GLN A 148 25.68 2.68 0.67
C GLN A 148 24.79 1.47 0.88
N ASP A 149 24.71 1.01 2.13
CA ASP A 149 23.82 -0.08 2.49
C ASP A 149 22.67 0.43 3.34
N ASP A 150 22.37 1.73 3.18
CA ASP A 150 21.27 2.35 3.88
C ASP A 150 19.93 1.99 3.25
N LYS A 151 19.08 1.31 4.01
CA LYS A 151 17.71 1.05 3.57
C LYS A 151 16.94 2.36 3.57
N VAL A 152 16.20 2.63 2.50
CA VAL A 152 15.41 3.85 2.42
C VAL A 152 13.99 3.56 1.98
N LEU A 153 13.10 4.51 2.24
CA LEU A 153 11.70 4.41 1.86
C LEU A 153 11.57 4.45 0.33
N VAL A 154 10.78 3.52 -0.21
CA VAL A 154 10.54 3.50 -1.65
C VAL A 154 9.05 3.64 -1.98
N ALA A 155 8.19 3.26 -1.04
CA ALA A 155 6.75 3.35 -1.28
C ALA A 155 5.95 3.33 0.01
N THR A 156 4.78 3.95 -0.02
CA THR A 156 3.89 3.99 1.12
C THR A 156 2.50 3.53 0.68
N CYS A 157 1.93 2.59 1.43
CA CYS A 157 0.60 2.09 1.13
C CYS A 157 -0.34 2.43 2.28
N THR A 158 -1.38 3.18 1.97
CA THR A 158 -2.32 3.66 2.98
C THR A 158 -3.73 3.12 2.77
N SER A 159 -4.36 2.72 3.86
CA SER A 159 -5.77 2.36 3.86
C SER A 159 -6.44 3.23 4.91
N ALA A 160 -7.08 4.29 4.46
CA ALA A 160 -7.53 5.34 5.37
C ALA A 160 -8.99 5.22 5.82
N ASN A 161 -9.21 5.44 7.11
CA ASN A 161 -10.56 5.61 7.66
C ASN A 161 -11.46 4.41 7.46
N GLY A 162 -10.91 3.22 7.71
CA GLY A 162 -11.68 2.00 7.58
C GLY A 162 -12.14 1.47 8.93
N LYS A 163 -13.13 0.60 8.92
CA LYS A 163 -13.62 0.03 10.17
C LYS A 163 -14.38 -1.27 9.88
N PRO A 164 -13.87 -2.40 10.36
CA PRO A 164 -12.61 -2.56 11.11
C PRO A 164 -11.40 -2.30 10.19
N PRO A 165 -10.18 -2.28 10.75
CA PRO A 165 -9.00 -2.01 9.94
C PRO A 165 -8.85 -3.05 8.83
N SER A 166 -8.34 -2.63 7.69
CA SER A 166 -8.06 -3.56 6.60
C SER A 166 -6.66 -4.15 6.78
N VAL A 167 -6.38 -5.22 6.06
CA VAL A 167 -5.06 -5.83 6.08
C VAL A 167 -4.22 -5.32 4.91
N VAL A 168 -3.04 -4.80 5.21
CA VAL A 168 -2.15 -4.28 4.19
C VAL A 168 -0.94 -5.17 4.03
N SER A 169 -0.53 -5.38 2.78
CA SER A 169 0.61 -6.23 2.47
C SER A 169 1.23 -5.81 1.13
N TRP A 170 2.31 -6.49 0.73
CA TRP A 170 3.01 -6.13 -0.48
C TRP A 170 3.24 -7.32 -1.40
N GLU A 171 3.17 -7.07 -2.71
CA GLU A 171 3.53 -8.08 -3.71
C GLU A 171 4.65 -7.54 -4.58
N THR A 172 5.77 -8.25 -4.59
CA THR A 172 6.95 -7.79 -5.31
C THR A 172 8.07 -8.83 -5.26
N ARG A 173 8.99 -8.73 -6.21
CA ARG A 173 10.16 -9.60 -6.21
C ARG A 173 11.33 -8.92 -5.50
N LEU A 174 11.14 -7.65 -5.13
CA LEU A 174 12.17 -6.91 -4.41
C LEU A 174 12.38 -7.51 -3.02
N LYS A 175 13.58 -7.35 -2.48
CA LYS A 175 13.89 -7.88 -1.17
C LYS A 175 14.06 -6.73 -0.17
N GLY A 176 12.93 -6.27 0.36
CA GLY A 176 12.93 -5.19 1.33
C GLY A 176 12.16 -5.53 2.58
N GLU A 177 12.07 -4.57 3.49
CA GLU A 177 11.37 -4.78 4.75
C GLU A 177 10.23 -3.76 4.90
N ALA A 178 9.05 -4.26 5.26
CA ALA A 178 7.87 -3.41 5.40
C ALA A 178 7.57 -3.06 6.85
N GLU A 179 7.28 -1.79 7.12
CA GLU A 179 6.89 -1.32 8.44
C GLU A 179 5.38 -1.04 8.45
N TYR A 180 4.72 -1.28 9.57
CA TYR A 180 3.27 -1.08 9.66
C TYR A 180 2.86 -0.16 10.80
N GLN A 181 1.91 0.72 10.52
CA GLN A 181 1.39 1.65 11.52
C GLN A 181 -0.12 1.68 11.47
N GLU A 182 -0.75 1.69 12.64
CA GLU A 182 -2.20 1.79 12.72
C GLU A 182 -2.59 3.01 13.53
N ILE A 183 -3.33 3.92 12.89
CA ILE A 183 -3.77 5.13 13.54
C ILE A 183 -5.26 5.02 13.89
N ARG A 184 -5.55 5.13 15.18
CA ARG A 184 -6.91 5.13 15.68
C ARG A 184 -7.48 6.53 15.60
N ASN A 185 -8.34 6.77 14.62
CA ASN A 185 -8.95 8.07 14.44
C ASN A 185 -9.98 8.38 15.53
N PRO A 186 -10.24 9.68 15.75
CA PRO A 186 -11.20 10.08 16.79
C PRO A 186 -12.60 9.47 16.57
N ASN A 187 -12.98 9.28 15.32
CA ASN A 187 -14.31 8.76 15.02
C ASN A 187 -14.42 7.24 15.13
N GLY A 188 -13.32 6.59 15.47
CA GLY A 188 -13.33 5.14 15.62
C GLY A 188 -12.88 4.35 14.40
N THR A 189 -12.73 5.01 13.26
CA THR A 189 -12.14 4.34 12.11
C THR A 189 -10.64 4.22 12.32
N VAL A 190 -10.03 3.28 11.61
CA VAL A 190 -8.60 3.04 11.73
C VAL A 190 -7.92 3.21 10.38
N THR A 191 -6.86 4.00 10.36
CA THR A 191 -6.05 4.17 9.16
C THR A 191 -4.84 3.24 9.27
N VAL A 192 -4.60 2.45 8.23
CA VAL A 192 -3.46 1.54 8.23
C VAL A 192 -2.44 2.00 7.20
N ILE A 193 -1.21 2.20 7.64
CA ILE A 193 -0.15 2.65 6.77
C ILE A 193 1.03 1.68 6.78
N SER A 194 1.49 1.31 5.61
CA SER A 194 2.68 0.48 5.52
C SER A 194 3.75 1.17 4.67
N ARG A 195 4.97 1.13 5.17
CA ARG A 195 6.09 1.78 4.52
C ARG A 195 7.12 0.76 4.09
N TYR A 196 7.40 0.72 2.79
CA TYR A 196 8.30 -0.27 2.23
C TYR A 196 9.70 0.33 2.06
N ARG A 197 10.70 -0.37 2.60
CA ARG A 197 12.06 0.12 2.56
C ARG A 197 13.02 -0.91 2.00
N LEU A 198 14.03 -0.45 1.28
CA LEU A 198 15.08 -1.31 0.77
C LEU A 198 16.33 -0.50 0.46
N VAL A 199 17.47 -1.16 0.44
CA VAL A 199 18.68 -0.51 -0.03
C VAL A 199 18.67 -0.54 -1.56
N PRO A 200 18.62 0.64 -2.19
CA PRO A 200 18.47 0.76 -3.65
C PRO A 200 19.63 0.07 -4.37
N SER A 201 19.32 -0.57 -5.49
CA SER A 201 20.34 -1.26 -6.27
C SER A 201 20.03 -1.16 -7.75
N ARG A 202 21.04 -1.44 -8.56
CA ARG A 202 20.90 -1.42 -10.02
C ARG A 202 19.79 -2.36 -10.50
N GLU A 203 19.67 -3.53 -9.88
CA GLU A 203 18.67 -4.50 -10.28
C GLU A 203 17.24 -4.09 -9.91
N ALA A 204 17.10 -3.26 -8.87
CA ALA A 204 15.80 -2.78 -8.44
C ALA A 204 15.18 -1.83 -9.47
N HIS A 205 16.01 -1.29 -10.34
CA HIS A 205 15.56 -0.25 -11.26
C HIS A 205 14.48 -0.75 -12.22
N GLN A 206 13.42 0.04 -12.33
CA GLN A 206 12.32 -0.26 -13.24
C GLN A 206 11.44 -1.39 -12.73
N GLN A 207 11.85 -2.03 -11.63
CA GLN A 207 11.10 -3.15 -11.10
C GLN A 207 9.86 -2.72 -10.31
N SER A 208 8.90 -3.64 -10.18
CA SER A 208 7.58 -3.27 -9.68
C SER A 208 7.37 -3.59 -8.22
N LEU A 209 6.51 -2.78 -7.60
CA LEU A 209 6.16 -2.94 -6.20
C LEU A 209 4.67 -2.67 -6.10
N ALA A 210 3.92 -3.65 -5.63
CA ALA A 210 2.47 -3.49 -5.49
C ALA A 210 2.03 -3.56 -4.03
N CYS A 211 1.13 -2.67 -3.65
CA CYS A 211 0.55 -2.76 -2.33
C CYS A 211 -0.84 -3.38 -2.45
N ILE A 212 -1.12 -4.31 -1.55
CA ILE A 212 -2.38 -5.04 -1.53
C ILE A 212 -3.12 -4.73 -0.24
N VAL A 213 -4.38 -4.35 -0.35
CA VAL A 213 -5.20 -4.20 0.85
C VAL A 213 -6.47 -5.05 0.84
N ASN A 214 -6.57 -5.94 1.83
CA ASN A 214 -7.75 -6.79 1.99
C ASN A 214 -8.73 -6.25 3.05
N TYR A 215 -9.94 -5.94 2.60
CA TYR A 215 -11.02 -5.59 3.52
C TYR A 215 -12.17 -6.56 3.27
N HIS A 216 -12.58 -7.27 4.31
CA HIS A 216 -13.58 -8.32 4.17
C HIS A 216 -13.08 -9.21 3.02
N MET A 217 -13.93 -9.40 2.01
CA MET A 217 -13.54 -10.25 0.88
C MET A 217 -13.16 -9.44 -0.35
N ASP A 218 -13.01 -8.13 -0.17
CA ASP A 218 -12.51 -7.25 -1.22
C ASP A 218 -10.99 -7.31 -1.28
N ARG A 219 -10.44 -7.03 -2.44
CA ARG A 219 -9.00 -7.01 -2.61
C ARG A 219 -8.62 -5.85 -3.52
N PHE A 220 -7.90 -4.89 -2.96
CA PHE A 220 -7.42 -3.74 -3.71
C PHE A 220 -5.95 -3.93 -4.04
N LYS A 221 -5.58 -3.58 -5.27
CA LYS A 221 -4.19 -3.65 -5.70
C LYS A 221 -3.80 -2.44 -6.54
N GLU A 222 -2.64 -1.88 -6.25
CA GLU A 222 -2.10 -0.76 -7.02
C GLU A 222 -0.60 -0.95 -7.08
N SER A 223 -0.02 -0.73 -8.25
CA SER A 223 1.40 -0.98 -8.45
C SER A 223 2.12 0.29 -8.86
N LEU A 224 3.44 0.30 -8.63
CA LEU A 224 4.31 1.31 -9.20
C LEU A 224 5.65 0.67 -9.53
N THR A 225 6.44 1.34 -10.34
CA THR A 225 7.77 0.84 -10.67
C THR A 225 8.80 1.79 -10.09
N LEU A 226 9.95 1.24 -9.67
CA LEU A 226 10.99 2.07 -9.08
C LEU A 226 11.89 2.70 -10.14
N ASN A 227 12.31 3.93 -9.88
CA ASN A 227 13.34 4.55 -10.67
C ASN A 227 14.58 4.70 -9.82
N VAL A 228 15.61 3.93 -10.15
CA VAL A 228 16.82 3.91 -9.35
C VAL A 228 18.03 4.31 -10.17
N GLN A 229 18.74 5.34 -9.72
CA GLN A 229 19.94 5.80 -10.38
C GLN A 229 21.15 5.08 -9.81
N TYR A 230 22.03 4.63 -10.69
CA TYR A 230 23.21 3.87 -10.29
C TYR A 230 24.42 4.27 -11.12
N GLU A 231 25.61 4.13 -10.52
CA GLU A 231 26.86 4.41 -11.21
C GLU A 231 27.08 3.39 -12.33
N PRO A 232 28.05 3.65 -13.22
CA PRO A 232 28.27 2.81 -14.40
C PRO A 232 28.80 1.40 -14.12
N GLU A 233 28.16 0.41 -14.72
CA GLU A 233 28.74 -0.92 -14.86
C GLU A 233 29.37 -0.97 -16.24
N VAL A 234 30.69 -0.91 -16.31
CA VAL A 234 31.34 -0.84 -17.62
C VAL A 234 31.96 -2.16 -18.09
N THR A 235 31.73 -2.47 -19.36
CA THR A 235 32.38 -3.58 -20.03
C THR A 235 32.99 -3.08 -21.34
N ILE A 236 33.99 -3.79 -21.85
CA ILE A 236 34.67 -3.39 -23.06
C ILE A 236 34.41 -4.37 -24.20
N GLU A 237 33.85 -3.87 -25.30
CA GLU A 237 33.63 -4.69 -26.50
C GLU A 237 34.66 -4.32 -27.56
N GLY A 238 34.80 -5.17 -28.58
CA GLY A 238 35.65 -4.86 -29.71
C GLY A 238 36.81 -5.81 -29.99
N PHE A 239 37.37 -6.39 -28.94
CA PHE A 239 38.47 -7.33 -29.11
C PHE A 239 37.95 -8.74 -29.40
N ASP A 240 38.23 -9.23 -30.60
CA ASP A 240 37.67 -10.50 -31.05
C ASP A 240 38.67 -11.65 -31.00
N GLY A 241 39.86 -11.39 -30.45
CA GLY A 241 40.86 -12.42 -30.32
C GLY A 241 41.48 -12.81 -31.65
N ASN A 242 41.28 -11.96 -32.65
CA ASN A 242 41.84 -12.18 -33.97
C ASN A 242 42.50 -10.90 -34.48
N TRP A 243 43.16 -10.20 -33.56
CA TRP A 243 43.84 -8.96 -33.91
C TRP A 243 45.21 -9.28 -34.46
N TYR A 244 45.22 -9.82 -35.67
CA TYR A 244 46.44 -10.32 -36.31
C TYR A 244 47.31 -9.19 -36.84
N LEU A 245 48.62 -9.44 -36.87
CA LEU A 245 49.59 -8.48 -37.36
C LEU A 245 49.19 -7.85 -38.69
N GLN A 246 49.26 -6.52 -38.75
CA GLN A 246 48.96 -5.78 -39.97
C GLN A 246 47.46 -5.55 -40.22
N ARG A 247 46.60 -6.17 -39.43
CA ARG A 247 45.17 -5.89 -39.52
C ARG A 247 44.95 -4.39 -39.39
N MET A 248 43.97 -3.88 -40.13
CA MET A 248 43.66 -2.46 -40.10
C MET A 248 42.33 -2.20 -39.41
N ASP A 249 42.16 -0.99 -38.87
CA ASP A 249 40.85 -0.49 -38.46
C ASP A 249 40.11 -1.39 -37.45
N VAL A 250 40.64 -1.50 -36.24
CA VAL A 250 39.92 -2.17 -35.16
C VAL A 250 39.74 -1.17 -34.03
N LYS A 251 38.81 -1.46 -33.12
CA LYS A 251 38.49 -0.48 -32.09
C LYS A 251 37.94 -1.15 -30.84
N LEU A 252 38.06 -0.45 -29.72
CA LEU A 252 37.45 -0.87 -28.47
C LEU A 252 36.31 0.09 -28.12
N THR A 253 35.17 -0.46 -27.70
CA THR A 253 34.05 0.36 -27.30
C THR A 253 33.70 0.16 -25.84
N CYS A 254 33.66 1.27 -25.10
CA CYS A 254 33.31 1.25 -23.68
C CYS A 254 31.80 1.27 -23.51
N LYS A 255 31.27 0.20 -22.96
CA LYS A 255 29.84 0.08 -22.71
C LYS A 255 29.56 0.37 -21.25
N ALA A 256 28.99 1.54 -20.99
CA ALA A 256 28.68 1.94 -19.63
C ALA A 256 27.17 1.82 -19.38
N ASP A 257 26.78 0.79 -18.65
CA ASP A 257 25.41 0.67 -18.18
C ASP A 257 25.24 1.61 -16.99
N ALA A 258 24.54 2.72 -17.20
CA ALA A 258 24.48 3.77 -16.19
C ALA A 258 23.17 4.53 -16.25
N ASN A 259 22.64 4.87 -15.08
CA ASN A 259 21.44 5.67 -15.00
C ASN A 259 21.64 6.82 -14.01
N PRO A 260 21.70 8.06 -14.52
CA PRO A 260 21.62 8.40 -15.95
C PRO A 260 22.88 7.99 -16.69
N PRO A 261 22.86 8.03 -18.04
CA PRO A 261 23.98 7.58 -18.87
C PRO A 261 25.27 8.30 -18.54
N ALA A 262 26.40 7.66 -18.82
CA ALA A 262 27.71 8.26 -18.60
C ALA A 262 27.83 9.57 -19.37
N THR A 263 28.56 10.50 -18.76
CA THR A 263 28.69 11.84 -19.29
C THR A 263 30.07 12.01 -19.91
N GLU A 264 30.98 11.11 -19.53
CA GLU A 264 32.40 11.31 -19.71
C GLU A 264 33.11 9.97 -19.78
N TYR A 265 34.10 9.85 -20.66
CA TYR A 265 34.88 8.62 -20.78
C TYR A 265 36.39 8.92 -20.80
N HIS A 266 37.17 8.07 -20.16
CA HIS A 266 38.63 8.21 -20.18
C HIS A 266 39.35 6.88 -20.31
N TRP A 267 40.26 6.80 -21.27
CA TRP A 267 41.00 5.58 -21.51
C TRP A 267 42.43 5.67 -21.00
N THR A 268 42.93 4.55 -20.48
CA THR A 268 44.29 4.43 -19.99
C THR A 268 44.73 2.98 -20.14
N THR A 269 45.97 2.71 -19.79
CA THR A 269 46.46 1.34 -19.77
C THR A 269 47.03 0.99 -18.41
N LEU A 270 47.28 -0.29 -18.19
CA LEU A 270 47.86 -0.75 -16.93
C LEU A 270 49.29 -0.24 -16.76
N ASN A 271 50.00 -0.12 -17.87
CA ASN A 271 51.34 0.38 -17.84
C ASN A 271 51.50 1.68 -18.58
N GLY A 272 50.93 2.73 -18.01
CA GLY A 272 51.15 4.04 -18.54
C GLY A 272 50.01 4.69 -19.26
N SER A 273 50.29 5.07 -20.47
CA SER A 273 49.38 5.89 -21.22
C SER A 273 48.95 5.07 -22.41
N LEU A 274 48.46 5.73 -23.45
CA LEU A 274 48.23 4.98 -24.67
C LEU A 274 49.46 5.00 -25.58
N PRO A 275 49.65 3.94 -26.37
CA PRO A 275 50.74 3.85 -27.34
C PRO A 275 50.45 4.71 -28.56
N LYS A 276 51.50 5.16 -29.24
CA LYS A 276 51.32 5.84 -30.51
C LYS A 276 50.57 4.89 -31.46
N GLY A 277 49.55 5.41 -32.14
CA GLY A 277 48.75 4.60 -33.04
C GLY A 277 47.40 4.22 -32.43
N VAL A 278 47.17 4.68 -31.21
CA VAL A 278 45.90 4.43 -30.53
C VAL A 278 45.26 5.77 -30.14
N GLU A 279 44.10 6.05 -30.74
CA GLU A 279 43.43 7.34 -30.54
C GLU A 279 42.11 7.17 -29.78
N ALA A 280 41.91 8.00 -28.76
CA ALA A 280 40.68 7.96 -27.97
C ALA A 280 39.70 9.04 -28.39
N GLN A 281 38.44 8.66 -28.51
CA GLN A 281 37.36 9.60 -28.78
C GLN A 281 36.12 9.16 -28.00
N ASN A 282 35.79 9.90 -26.96
CA ASN A 282 34.79 9.47 -25.98
C ASN A 282 34.87 7.97 -25.67
N ARG A 283 33.76 7.26 -25.81
CA ARG A 283 33.72 5.86 -25.44
C ARG A 283 34.44 4.92 -26.39
N THR A 284 35.13 5.47 -27.39
CA THR A 284 35.84 4.62 -28.36
C THR A 284 37.35 4.79 -28.36
N LEU A 285 38.06 3.67 -28.39
CA LEU A 285 39.50 3.66 -28.60
C LEU A 285 39.80 3.10 -30.01
N PHE A 286 40.23 3.97 -30.93
CA PHE A 286 40.48 3.55 -32.31
C PHE A 286 41.90 3.03 -32.49
N PHE A 287 42.02 1.83 -33.04
CA PHE A 287 43.31 1.31 -33.47
C PHE A 287 43.34 1.34 -34.99
N LYS A 288 43.86 2.42 -35.55
CA LYS A 288 43.88 2.62 -37.00
C LYS A 288 44.58 1.49 -37.76
N GLY A 289 45.67 0.99 -37.20
CA GLY A 289 46.45 -0.04 -37.85
C GLY A 289 47.58 0.57 -38.66
N PRO A 290 48.49 -0.26 -39.15
CA PRO A 290 48.42 -1.72 -39.00
C PRO A 290 48.74 -2.20 -37.59
N ILE A 291 48.04 -3.24 -37.16
CA ILE A 291 48.28 -3.84 -35.86
C ILE A 291 49.69 -4.40 -35.75
N ASN A 292 50.37 -4.08 -34.65
CA ASN A 292 51.68 -4.66 -34.35
C ASN A 292 51.79 -4.99 -32.86
N TYR A 293 52.80 -5.77 -32.51
CA TYR A 293 52.94 -6.26 -31.14
C TYR A 293 52.94 -5.18 -30.05
N SER A 294 53.43 -3.99 -30.37
CA SER A 294 53.49 -2.91 -29.39
C SER A 294 52.10 -2.45 -28.95
N LEU A 295 51.06 -3.09 -29.47
CA LEU A 295 49.69 -2.71 -29.15
C LEU A 295 49.07 -3.63 -28.11
N ALA A 296 49.73 -4.76 -27.84
CA ALA A 296 49.27 -5.65 -26.79
C ALA A 296 49.34 -4.93 -25.44
N GLY A 297 48.44 -5.29 -24.53
CA GLY A 297 48.40 -4.66 -23.23
C GLY A 297 47.01 -4.72 -22.64
N THR A 298 46.83 -4.02 -21.51
CA THR A 298 45.53 -3.98 -20.86
C THR A 298 44.93 -2.58 -20.94
N TYR A 299 43.76 -2.49 -21.56
CA TYR A 299 43.13 -1.20 -21.82
C TYR A 299 41.96 -0.96 -20.88
N ILE A 300 41.95 0.21 -20.26
CA ILE A 300 40.97 0.54 -19.24
C ILE A 300 40.10 1.72 -19.65
N CYS A 301 38.80 1.56 -19.44
CA CYS A 301 37.85 2.65 -19.63
C CYS A 301 37.28 3.08 -18.28
N GLU A 302 37.38 4.38 -18.01
CA GLU A 302 36.84 4.97 -16.80
C GLU A 302 35.63 5.81 -17.18
N ALA A 303 34.44 5.40 -16.75
CA ALA A 303 33.21 6.08 -17.14
C ALA A 303 32.54 6.78 -15.96
N THR A 304 32.09 8.00 -16.19
CA THR A 304 31.51 8.82 -15.15
C THR A 304 30.10 9.27 -15.46
N ASN A 305 29.19 9.07 -14.52
CA ASN A 305 27.86 9.67 -14.58
C ASN A 305 27.61 10.44 -13.28
N PRO A 306 26.45 11.12 -13.18
CA PRO A 306 26.19 11.95 -11.98
C PRO A 306 26.29 11.19 -10.66
N ILE A 307 26.27 9.86 -10.71
CA ILE A 307 26.28 9.07 -9.49
C ILE A 307 27.67 8.64 -9.03
N GLY A 308 28.55 8.32 -9.97
CA GLY A 308 29.90 7.89 -9.63
C GLY A 308 30.77 7.59 -10.84
N THR A 309 31.97 7.07 -10.57
CA THR A 309 32.92 6.73 -11.61
C THR A 309 33.40 5.29 -11.44
N ARG A 310 33.30 4.50 -12.51
CA ARG A 310 33.73 3.12 -12.46
C ARG A 310 34.58 2.78 -13.67
N SER A 311 35.44 1.78 -13.53
CA SER A 311 36.34 1.37 -14.59
C SER A 311 35.99 0.02 -15.19
N GLY A 312 36.53 -0.25 -16.38
CA GLY A 312 36.39 -1.53 -17.04
C GLY A 312 37.67 -1.85 -17.78
N GLN A 313 37.95 -3.15 -17.93
CA GLN A 313 39.22 -3.57 -18.51
C GLN A 313 39.06 -4.58 -19.63
N VAL A 314 40.05 -4.62 -20.50
CA VAL A 314 40.15 -5.70 -21.47
C VAL A 314 41.63 -5.96 -21.76
N GLU A 315 42.00 -7.23 -21.77
CA GLU A 315 43.36 -7.61 -22.06
C GLU A 315 43.49 -7.93 -23.55
N VAL A 316 44.29 -7.15 -24.25
CA VAL A 316 44.49 -7.33 -25.69
C VAL A 316 45.80 -8.05 -25.98
N ASN A 317 45.70 -9.20 -26.64
CA ASN A 317 46.88 -9.92 -27.09
C ASN A 317 46.90 -9.97 -28.62
N ILE A 318 48.07 -9.73 -29.19
CA ILE A 318 48.19 -9.66 -30.65
C ILE A 318 48.63 -10.98 -31.27
N THR A 319 47.93 -11.37 -32.32
CA THR A 319 48.02 -12.71 -32.86
C THR A 319 48.71 -12.75 -34.22
N GLU A 320 49.03 -13.95 -34.69
CA GLU A 320 49.51 -14.18 -36.07
C GLU A 320 50.71 -13.31 -36.42
C1 PG6 B . -9.85 -8.97 6.14
O1 PG6 B . -10.12 -7.75 6.81
C2 PG6 B . -11.30 -7.80 7.61
C3 PG6 B . -12.27 -6.63 7.45
O2 PG6 B . -13.60 -7.14 7.48
C4 PG6 B . -14.66 -6.21 7.33
C5 PG6 B . -15.96 -6.74 7.92
O3 PG6 B . -16.95 -6.71 6.93
C6 PG6 B . -18.27 -7.17 7.26
C7 PG6 B . -18.47 -8.55 7.84
O4 PG6 B . -18.68 -8.35 9.22
C8 PG6 B . -19.83 -8.94 9.78
C9 PG6 B . -19.54 -9.52 11.15
O5 PG6 B . -18.20 -9.26 11.50
C10 PG6 B . -17.78 -9.77 12.74
C11 PG6 B . -16.56 -8.98 13.13
#